data_5EVA
#
_entry.id   5EVA
#
_cell.length_a   60.360
_cell.length_b   60.360
_cell.length_c   63.390
_cell.angle_alpha   90.00
_cell.angle_beta   90.00
_cell.angle_gamma   120.00
#
_symmetry.space_group_name_H-M   'P 32 2 1'
#
loop_
_entity.id
_entity.type
_entity.pdbx_description
1 polymer Peregrin
2 non-polymer ~{N}-[2,4-bis(fluoranyl)phenyl]-2-methyl-pyrazole-3-carboxamide
3 non-polymer 'NITRATE ION'
4 water water
#
_entity_poly.entity_id   1
_entity_poly.type   'polypeptide(L)'
_entity_poly.pdbx_seq_one_letter_code
;SMEMQLTPFLILLRKTLEQLQEKDTGNIFSEPVPLSEVPDYLDHIKKPMDFFTMKQNLEAYRYLNFDDFEEDFNLIVSNC
LKYNAKDTIFYRAAVRLREQGGAVLRQARRQAEKMG
;
_entity_poly.pdbx_strand_id   A
#
# COMPACT_ATOMS: atom_id res chain seq x y z
N GLU A 3 21.79 8.43 -2.54
CA GLU A 3 22.62 9.29 -3.37
C GLU A 3 22.11 9.30 -4.81
N MET A 4 21.01 10.03 -5.02
CA MET A 4 20.37 10.10 -6.32
C MET A 4 19.50 11.35 -6.35
N GLN A 5 18.94 11.62 -7.52
CA GLN A 5 18.04 12.76 -7.71
C GLN A 5 16.65 12.43 -7.20
N LEU A 6 16.00 13.42 -6.58
CA LEU A 6 14.68 13.22 -5.97
C LEU A 6 13.60 13.04 -7.03
N THR A 7 13.56 13.91 -8.04
CA THR A 7 12.45 13.89 -8.99
C THR A 7 12.24 12.53 -9.66
N PRO A 8 13.26 11.87 -10.22
CA PRO A 8 13.01 10.58 -10.86
C PRO A 8 12.55 9.53 -9.87
N PHE A 9 13.04 9.59 -8.63
CA PHE A 9 12.56 8.65 -7.62
C PHE A 9 11.08 8.84 -7.34
N LEU A 10 10.62 10.09 -7.22
CA LEU A 10 9.20 10.29 -6.96
C LEU A 10 8.35 9.89 -8.16
N ILE A 11 8.84 10.15 -9.38
CA ILE A 11 8.13 9.66 -10.57
C ILE A 11 7.99 8.14 -10.52
N LEU A 12 9.06 7.45 -10.15
CA LEU A 12 9.00 5.99 -10.04
C LEU A 12 7.99 5.57 -8.98
N LEU A 13 7.97 6.22 -7.84
CA LEU A 13 7.00 5.84 -6.81
C LEU A 13 5.58 6.10 -7.26
N ARG A 14 5.34 7.21 -7.97
CA ARG A 14 4.00 7.48 -8.50
C ARG A 14 3.55 6.36 -9.44
N LYS A 15 4.42 5.97 -10.37
CA LYS A 15 4.10 4.88 -11.29
C LYS A 15 3.86 3.58 -10.53
N THR A 16 4.68 3.31 -9.54
CA THR A 16 4.55 2.08 -8.78
C THR A 16 3.24 2.05 -8.02
N LEU A 17 2.87 3.18 -7.39
CA LEU A 17 1.60 3.25 -6.67
C LEU A 17 0.42 3.02 -7.60
N GLU A 18 0.47 3.59 -8.81
CA GLU A 18 -0.58 3.34 -9.79
C GLU A 18 -0.67 1.86 -10.15
N GLN A 19 0.48 1.21 -10.32
CA GLN A 19 0.50 -0.22 -10.64
C GLN A 19 -0.05 -1.05 -9.50
N LEU A 20 0.25 -0.68 -8.27
CA LEU A 20 -0.32 -1.40 -7.13
C LEU A 20 -1.83 -1.20 -7.06
N GLN A 21 -2.28 0.02 -7.28
CA GLN A 21 -3.72 0.30 -7.27
C GLN A 21 -4.44 -0.53 -8.33
N GLU A 22 -3.81 -0.74 -9.49
CA GLU A 22 -4.42 -1.55 -10.54
C GLU A 22 -4.66 -2.98 -10.08
N LYS A 23 -3.81 -3.50 -9.19
CA LYS A 23 -3.98 -4.86 -8.68
C LYS A 23 -5.16 -4.98 -7.74
N ASP A 24 -5.53 -3.89 -7.07
CA ASP A 24 -6.69 -3.86 -6.16
C ASP A 24 -7.93 -3.56 -7.00
N THR A 25 -8.42 -4.61 -7.67
CA THR A 25 -9.48 -4.40 -8.66
C THR A 25 -10.82 -4.05 -8.01
N GLY A 26 -11.06 -4.52 -6.80
CA GLY A 26 -12.26 -4.13 -6.08
C GLY A 26 -12.18 -2.78 -5.41
N ASN A 27 -11.02 -2.13 -5.49
CA ASN A 27 -10.80 -0.84 -4.85
C ASN A 27 -11.05 -0.89 -3.35
N ILE A 28 -10.81 -2.05 -2.73
CA ILE A 28 -11.07 -2.15 -1.30
C ILE A 28 -10.01 -1.42 -0.48
N PHE A 29 -8.87 -1.09 -1.08
CA PHE A 29 -7.78 -0.41 -0.38
C PHE A 29 -7.56 1.00 -0.90
N SER A 30 -8.49 1.52 -1.71
CA SER A 30 -8.28 2.83 -2.34
CA SER A 30 -8.28 2.83 -2.34
C SER A 30 -8.39 3.97 -1.34
N GLU A 31 -9.20 3.81 -0.31
CA GLU A 31 -9.47 4.87 0.65
C GLU A 31 -9.46 4.25 2.04
N PRO A 32 -9.36 5.07 3.10
CA PRO A 32 -9.33 4.51 4.45
C PRO A 32 -10.56 3.65 4.72
N VAL A 33 -10.35 2.59 5.49
CA VAL A 33 -11.49 1.82 5.97
C VAL A 33 -12.45 2.75 6.70
N PRO A 34 -13.74 2.81 6.33
CA PRO A 34 -14.66 3.76 6.95
C PRO A 34 -14.92 3.46 8.41
N LEU A 35 -14.35 4.28 9.31
CA LEU A 35 -14.51 4.03 10.74
C LEU A 35 -15.96 4.11 11.17
N SER A 36 -16.79 4.87 10.44
CA SER A 36 -18.21 4.92 10.75
C SER A 36 -18.88 3.58 10.43
N GLU A 37 -18.43 2.92 9.36
CA GLU A 37 -19.03 1.66 8.94
C GLU A 37 -18.41 0.46 9.63
N VAL A 38 -17.18 0.59 10.11
CA VAL A 38 -16.48 -0.47 10.84
C VAL A 38 -16.08 0.11 12.19
N PRO A 39 -17.01 0.23 13.14
CA PRO A 39 -16.70 1.01 14.36
C PRO A 39 -15.61 0.42 15.24
N ASP A 40 -15.38 -0.89 15.19
CA ASP A 40 -14.38 -1.53 16.04
C ASP A 40 -13.00 -1.62 15.39
N TYR A 41 -12.81 -0.97 14.24
CA TYR A 41 -11.58 -1.19 13.47
C TYR A 41 -10.34 -0.82 14.26
N LEU A 42 -10.38 0.28 15.01
CA LEU A 42 -9.20 0.74 15.73
C LEU A 42 -8.90 -0.05 16.99
N ASP A 43 -9.85 -0.87 17.47
CA ASP A 43 -9.55 -1.76 18.58
C ASP A 43 -8.38 -2.68 18.24
N HIS A 44 -8.29 -3.11 16.99
CA HIS A 44 -7.32 -4.10 16.56
C HIS A 44 -6.18 -3.53 15.74
N ILE A 45 -6.38 -2.40 15.07
CA ILE A 45 -5.46 -1.89 14.06
C ILE A 45 -4.81 -0.62 14.59
N LYS A 46 -3.50 -0.68 14.81
CA LYS A 46 -2.78 0.46 15.39
C LYS A 46 -2.62 1.60 14.40
N LYS A 47 -2.35 1.29 13.14
CA LYS A 47 -2.07 2.31 12.13
C LYS A 47 -2.77 1.97 10.82
N PRO A 48 -3.97 2.51 10.62
CA PRO A 48 -4.66 2.32 9.34
C PRO A 48 -3.82 2.83 8.18
N MET A 49 -4.02 2.24 7.01
CA MET A 49 -3.33 2.67 5.80
C MET A 49 -4.15 2.30 4.57
N ASP A 50 -3.97 3.08 3.51
CA ASP A 50 -4.72 2.89 2.26
C ASP A 50 -3.97 3.64 1.15
N PHE A 51 -4.39 3.39 -0.09
CA PHE A 51 -3.64 3.95 -1.21
C PHE A 51 -3.79 5.46 -1.31
N PHE A 52 -4.92 6.03 -0.89
CA PHE A 52 -5.06 7.48 -0.95
C PHE A 52 -4.12 8.15 0.05
N THR A 53 -4.06 7.64 1.27
CA THR A 53 -3.10 8.14 2.25
C THR A 53 -1.67 8.00 1.72
N MET A 54 -1.36 6.89 1.05
CA MET A 54 -0.01 6.73 0.50
C MET A 54 0.28 7.80 -0.54
N LYS A 55 -0.69 8.11 -1.40
CA LYS A 55 -0.49 9.17 -2.39
C LYS A 55 -0.22 10.50 -1.70
N GLN A 56 -0.95 10.80 -0.63
CA GLN A 56 -0.74 12.04 0.10
C GLN A 56 0.65 12.06 0.73
N ASN A 57 1.07 10.95 1.31
CA ASN A 57 2.40 10.88 1.90
C ASN A 57 3.48 11.05 0.84
N LEU A 58 3.30 10.40 -0.31
CA LEU A 58 4.25 10.53 -1.41
C LEU A 58 4.41 11.99 -1.80
N GLU A 59 3.29 12.69 -2.01
CA GLU A 59 3.36 14.08 -2.45
C GLU A 59 3.81 15.04 -1.35
N ALA A 60 3.75 14.61 -0.09
CA ALA A 60 4.31 15.40 1.00
C ALA A 60 5.79 15.12 1.22
N TYR A 61 6.42 14.35 0.32
CA TYR A 61 7.84 14.01 0.41
C TYR A 61 8.15 13.18 1.64
N ARG A 62 7.21 12.35 2.07
CA ARG A 62 7.43 11.51 3.24
C ARG A 62 8.12 10.19 2.90
N TYR A 63 8.18 9.82 1.63
CA TYR A 63 8.84 8.58 1.18
C TYR A 63 10.10 8.98 0.42
N LEU A 64 11.25 8.77 1.05
CA LEU A 64 12.53 9.14 0.46
C LEU A 64 13.41 7.93 0.16
N ASN A 65 12.92 6.73 0.45
CA ASN A 65 13.60 5.50 0.09
C ASN A 65 12.53 4.45 -0.15
N PHE A 66 12.93 3.37 -0.81
CA PHE A 66 11.90 2.41 -1.17
C PHE A 66 11.30 1.75 0.06
N ASP A 67 12.08 1.55 1.12
CA ASP A 67 11.56 0.96 2.35
C ASP A 67 10.42 1.80 2.93
N ASP A 68 10.53 3.13 2.90
CA ASP A 68 9.47 4.01 3.41
C ASP A 68 8.15 3.65 2.72
N PHE A 69 8.20 3.50 1.40
CA PHE A 69 7.03 3.26 0.58
C PHE A 69 6.49 1.85 0.81
N GLU A 70 7.38 0.86 0.78
CA GLU A 70 6.95 -0.53 0.91
C GLU A 70 6.39 -0.82 2.30
N GLU A 71 6.89 -0.13 3.34
CA GLU A 71 6.35 -0.30 4.68
C GLU A 71 4.87 0.05 4.73
N ASP A 72 4.48 1.12 4.07
CA ASP A 72 3.07 1.48 4.10
C ASP A 72 2.22 0.54 3.25
N PHE A 73 2.74 0.07 2.11
CA PHE A 73 2.04 -0.97 1.37
C PHE A 73 1.84 -2.20 2.25
N ASN A 74 2.89 -2.62 2.96
CA ASN A 74 2.78 -3.81 3.80
C ASN A 74 1.74 -3.62 4.89
N LEU A 75 1.55 -2.38 5.36
CA LEU A 75 0.54 -2.10 6.37
C LEU A 75 -0.86 -2.31 5.80
N ILE A 76 -1.10 -1.87 4.56
CA ILE A 76 -2.38 -2.14 3.90
C ILE A 76 -2.67 -3.62 3.97
N VAL A 77 -1.69 -4.44 3.56
CA VAL A 77 -1.88 -5.88 3.52
C VAL A 77 -2.07 -6.45 4.91
N SER A 78 -1.14 -6.16 5.83
CA SER A 78 -1.17 -6.80 7.13
CA SER A 78 -1.18 -6.81 7.13
C SER A 78 -2.39 -6.39 7.94
N ASN A 79 -2.82 -5.13 7.83
CA ASN A 79 -4.01 -4.70 8.56
C ASN A 79 -5.21 -5.50 8.11
N CYS A 80 -5.31 -5.75 6.81
CA CYS A 80 -6.45 -6.47 6.25
C CYS A 80 -6.42 -7.94 6.66
N LEU A 81 -5.25 -8.56 6.66
CA LEU A 81 -5.14 -9.93 7.12
C LEU A 81 -5.48 -10.02 8.60
N LYS A 82 -5.07 -9.02 9.38
CA LYS A 82 -5.31 -9.04 10.81
C LYS A 82 -6.79 -8.89 11.12
N TYR A 83 -7.45 -7.93 10.49
CA TYR A 83 -8.81 -7.60 10.88
C TYR A 83 -9.82 -8.62 10.40
N ASN A 84 -9.66 -9.14 9.19
CA ASN A 84 -10.70 -9.92 8.53
C ASN A 84 -10.47 -11.41 8.71
N ALA A 85 -11.57 -12.15 8.87
CA ALA A 85 -11.49 -13.61 8.98
C ALA A 85 -10.96 -14.21 7.68
N LYS A 86 -10.34 -15.38 7.80
CA LYS A 86 -9.70 -16.01 6.66
C LYS A 86 -10.70 -16.35 5.57
N ASP A 87 -11.95 -16.62 5.93
CA ASP A 87 -12.93 -17.06 4.95
C ASP A 87 -13.62 -15.93 4.21
N THR A 88 -13.02 -14.74 4.14
CA THR A 88 -13.68 -13.58 3.56
C THR A 88 -12.99 -13.15 2.27
N ILE A 89 -13.76 -12.45 1.43
CA ILE A 89 -13.19 -11.83 0.25
C ILE A 89 -12.09 -10.85 0.64
N PHE A 90 -12.31 -10.05 1.68
CA PHE A 90 -11.33 -9.05 2.08
C PHE A 90 -9.98 -9.71 2.44
N TYR A 91 -10.02 -10.78 3.21
CA TYR A 91 -8.76 -11.45 3.57
C TYR A 91 -8.06 -11.98 2.32
N ARG A 92 -8.80 -12.64 1.44
CA ARG A 92 -8.17 -13.18 0.25
C ARG A 92 -7.68 -12.07 -0.68
N ALA A 93 -8.36 -10.93 -0.70
CA ALA A 93 -7.89 -9.79 -1.49
C ALA A 93 -6.54 -9.29 -1.00
N ALA A 94 -6.31 -9.32 0.30
CA ALA A 94 -5.00 -8.93 0.82
C ALA A 94 -3.94 -9.94 0.44
N VAL A 95 -4.26 -11.23 0.46
CA VAL A 95 -3.30 -12.24 0.00
C VAL A 95 -2.94 -11.99 -1.46
N ARG A 96 -3.97 -11.76 -2.29
CA ARG A 96 -3.73 -11.53 -3.70
C ARG A 96 -2.88 -10.28 -3.91
N LEU A 97 -3.18 -9.22 -3.16
CA LEU A 97 -2.40 -7.99 -3.30
C LEU A 97 -0.97 -8.19 -2.85
N ARG A 98 -0.75 -8.96 -1.78
CA ARG A 98 0.61 -9.25 -1.33
C ARG A 98 1.39 -9.94 -2.44
N GLU A 99 0.77 -10.92 -3.10
CA GLU A 99 1.45 -11.68 -4.15
C GLU A 99 1.68 -10.81 -5.38
N GLN A 100 0.59 -10.23 -5.90
CA GLN A 100 0.71 -9.49 -7.16
C GLN A 100 1.44 -8.17 -6.94
N GLY A 101 1.17 -7.49 -5.83
CA GLY A 101 1.84 -6.23 -5.55
C GLY A 101 3.28 -6.41 -5.17
N GLY A 102 3.61 -7.52 -4.49
CA GLY A 102 5.01 -7.83 -4.24
C GLY A 102 5.83 -7.84 -5.52
N ALA A 103 5.28 -8.44 -6.59
CA ALA A 103 6.01 -8.52 -7.85
C ALA A 103 6.21 -7.12 -8.46
N VAL A 104 5.20 -6.27 -8.39
CA VAL A 104 5.35 -4.88 -8.81
C VAL A 104 6.46 -4.19 -8.02
N LEU A 105 6.49 -4.43 -6.71
CA LEU A 105 7.44 -3.76 -5.83
C LEU A 105 8.86 -4.21 -6.10
N ARG A 106 9.07 -5.50 -6.36
CA ARG A 106 10.42 -6.00 -6.60
C ARG A 106 11.02 -5.36 -7.85
N GLN A 107 10.24 -5.28 -8.94
CA GLN A 107 10.78 -4.63 -10.13
C GLN A 107 11.01 -3.14 -9.91
N ALA A 108 10.12 -2.48 -9.15
CA ALA A 108 10.28 -1.04 -8.93
C ALA A 108 11.50 -0.75 -8.07
N ARG A 109 11.74 -1.57 -7.04
CA ARG A 109 12.92 -1.38 -6.21
C ARG A 109 14.19 -1.55 -7.02
N ARG A 110 14.20 -2.53 -7.94
CA ARG A 110 15.35 -2.70 -8.83
C ARG A 110 15.59 -1.45 -9.66
N GLN A 111 14.52 -0.79 -10.13
CA GLN A 111 14.69 0.47 -10.84
C GLN A 111 15.28 1.55 -9.95
N ALA A 112 14.85 1.62 -8.69
CA ALA A 112 15.39 2.62 -7.78
C ALA A 112 16.87 2.39 -7.53
N GLU A 113 17.27 1.11 -7.41
CA GLU A 113 18.67 0.77 -7.20
C GLU A 113 19.55 1.17 -8.38
N LYS A 114 18.99 1.21 -9.61
CA LYS A 114 19.74 1.69 -10.76
C LYS A 114 19.99 3.19 -10.71
N MET A 115 19.26 3.91 -9.87
CA MET A 115 19.46 5.35 -9.73
C MET A 115 20.63 5.61 -8.79
#